data_4B33
#
_entry.id   4B33
#
_cell.length_a   37.660
_cell.length_b   78.710
_cell.length_c   39.670
_cell.angle_alpha   90.00
_cell.angle_beta   117.91
_cell.angle_gamma   90.00
#
_symmetry.space_group_name_H-M   'P 1 21 1'
#
loop_
_entity.id
_entity.type
_entity.pdbx_description
1 polymer 'DNA REPAIR AND RECOMBINATION PROTEIN RADA'
2 non-polymer 'PHOSPHATE ION'
3 non-polymer 1-NAPHTHOL
4 water water
#
_entity_poly.entity_id   1
_entity_poly.type   'polypeptide(L)'
_entity_poly.pdbx_seq_one_letter_code
;MATIGRISTGSKSLDKLLGGGIETQAITEVFGEFGSGKTQLAHTLAVMVQLPPEEGGLNGSVMWIDTENTFRPERIREIA
QNRGLDPDEVLKHIAYARAFNSNHQMLLVQQAEDMIKELLNTDRPVKLLIVDSLTSHFRSEYIGRGALAERQQKLAKHLA
DLHRLANLYDIAVFVTNQVQANGGHILAHSATLRVYLRKGKGGKRIARLIDAPHLPEGEAVFSITEKGIED
;
_entity_poly.pdbx_strand_id   A
#
# COMPACT_ATOMS: atom_id res chain seq x y z
N ALA A 2 18.63 -5.18 7.18
CA ALA A 2 18.04 -4.43 8.28
C ALA A 2 16.84 -5.17 8.86
N THR A 3 16.55 -4.90 10.13
CA THR A 3 15.39 -5.48 10.79
C THR A 3 14.12 -5.07 10.04
N ILE A 4 13.18 -5.99 9.92
CA ILE A 4 11.89 -5.71 9.29
C ILE A 4 11.17 -4.67 10.14
N GLY A 5 10.68 -3.61 9.51
CA GLY A 5 9.91 -2.60 10.21
C GLY A 5 8.45 -2.81 9.87
N ARG A 6 7.56 -2.34 10.75
CA ARG A 6 6.14 -2.47 10.49
C ARG A 6 5.43 -1.13 10.61
N ILE A 7 4.48 -0.90 9.72
CA ILE A 7 3.70 0.31 9.73
C ILE A 7 2.29 -0.03 10.23
N SER A 8 1.84 0.67 11.26
CA SER A 8 0.48 0.46 11.73
C SER A 8 -0.55 0.85 10.67
N THR A 9 -1.60 0.03 10.54
CA THR A 9 -2.72 0.33 9.65
C THR A 9 -3.70 1.35 10.24
N GLY A 10 -3.52 1.65 11.53
CA GLY A 10 -4.45 2.51 12.24
C GLY A 10 -5.40 1.66 13.08
N SER A 11 -5.60 0.41 12.66
CA SER A 11 -6.47 -0.53 13.40
C SER A 11 -5.69 -1.53 14.24
N LYS A 12 -5.89 -1.52 15.55
CA LYS A 12 -5.25 -2.50 16.43
C LYS A 12 -5.60 -3.94 16.06
N SER A 13 -6.87 -4.17 15.72
CA SER A 13 -7.34 -5.49 15.32
C SER A 13 -6.60 -5.98 14.07
N LEU A 14 -6.55 -5.12 13.06
CA LEU A 14 -5.90 -5.46 11.79
C LEU A 14 -4.39 -5.63 11.97
N ASP A 15 -3.79 -4.72 12.74
CA ASP A 15 -2.37 -4.85 13.06
C ASP A 15 -2.08 -6.21 13.71
N LYS A 16 -2.94 -6.63 14.63
CA LYS A 16 -2.72 -7.90 15.32
C LYS A 16 -2.74 -9.06 14.32
N LEU A 17 -3.70 -9.04 13.41
CA LEU A 17 -3.82 -10.06 12.37
C LEU A 17 -2.55 -10.11 11.49
N LEU A 18 -1.96 -8.94 11.26
CA LEU A 18 -0.81 -8.84 10.38
C LEU A 18 0.54 -9.04 11.10
N GLY A 19 0.50 -9.33 12.39
CA GLY A 19 1.72 -9.50 13.17
C GLY A 19 2.34 -8.18 13.62
N GLY A 20 1.54 -7.12 13.60
CA GLY A 20 2.02 -5.84 14.08
C GLY A 20 1.79 -4.66 13.15
N GLY A 21 1.55 -4.94 11.88
CA GLY A 21 1.39 -3.89 10.87
C GLY A 21 1.90 -4.42 9.55
N ILE A 22 1.91 -3.61 8.50
CA ILE A 22 2.47 -4.07 7.24
C ILE A 22 3.98 -4.01 7.30
N GLU A 23 4.64 -4.97 6.64
CA GLU A 23 6.09 -5.13 6.77
C GLU A 23 6.88 -4.43 5.67
N THR A 24 8.02 -3.85 6.05
CA THR A 24 9.04 -3.52 5.04
C THR A 24 9.62 -4.84 4.51
N GLN A 25 10.32 -4.77 3.39
CA GLN A 25 10.87 -5.95 2.72
C GLN A 25 9.79 -6.96 2.31
N ALA A 26 8.59 -6.45 2.06
CA ALA A 26 7.45 -7.30 1.72
C ALA A 26 6.50 -6.54 0.84
N ILE A 27 5.71 -7.28 0.05
CA ILE A 27 4.60 -6.72 -0.68
C ILE A 27 3.32 -7.20 -0.02
N THR A 28 2.53 -6.26 0.50
CA THR A 28 1.20 -6.57 1.01
C THR A 28 0.18 -6.25 -0.06
N GLU A 29 -0.69 -7.22 -0.38
CA GLU A 29 -1.61 -7.12 -1.50
C GLU A 29 -3.02 -7.22 -0.96
N VAL A 30 -3.79 -6.14 -1.07
CA VAL A 30 -5.11 -6.07 -0.46
C VAL A 30 -6.19 -6.07 -1.53
N PHE A 31 -7.08 -7.06 -1.45
CA PHE A 31 -8.15 -7.23 -2.43
C PHE A 31 -9.45 -6.68 -1.87
N GLY A 32 -10.27 -6.08 -2.73
CA GLY A 32 -11.61 -5.70 -2.29
C GLY A 32 -12.41 -5.13 -3.43
N GLU A 33 -13.73 -5.31 -3.33
CA GLU A 33 -14.64 -4.77 -4.31
C GLU A 33 -14.83 -3.30 -3.97
N PHE A 34 -15.60 -2.58 -4.78
CA PHE A 34 -15.76 -1.16 -4.55
C PHE A 34 -16.28 -0.86 -3.15
N GLY A 35 -15.64 0.07 -2.46
CA GLY A 35 -16.06 0.46 -1.12
C GLY A 35 -15.57 -0.45 -0.01
N SER A 36 -14.70 -1.40 -0.37
CA SER A 36 -14.17 -2.38 0.57
C SER A 36 -13.31 -1.74 1.66
N GLY A 37 -12.67 -0.62 1.32
CA GLY A 37 -11.75 0.03 2.24
C GLY A 37 -10.29 -0.08 1.85
N LYS A 38 -9.98 -0.73 0.74
CA LYS A 38 -8.57 -0.90 0.38
C LYS A 38 -7.84 0.41 0.07
N THR A 39 -8.51 1.33 -0.63
CA THR A 39 -7.91 2.62 -0.90
C THR A 39 -7.87 3.50 0.37
N GLN A 40 -8.89 3.37 1.21
CA GLN A 40 -8.87 4.07 2.51
C GLN A 40 -7.69 3.61 3.36
N LEU A 41 -7.40 2.31 3.29
CA LEU A 41 -6.26 1.74 3.98
C LEU A 41 -4.97 2.30 3.41
N ALA A 42 -4.88 2.42 2.09
CA ALA A 42 -3.73 3.02 1.44
C ALA A 42 -3.53 4.46 1.93
N HIS A 43 -4.60 5.25 1.96
CA HIS A 43 -4.51 6.63 2.43
C HIS A 43 -4.04 6.71 3.89
N THR A 44 -4.55 5.81 4.73
CA THR A 44 -4.20 5.77 6.15
C THR A 44 -2.71 5.42 6.33
N LEU A 45 -2.24 4.39 5.63
CA LEU A 45 -0.85 4.01 5.69
C LEU A 45 0.10 5.14 5.25
N ALA A 46 -0.30 5.94 4.27
CA ALA A 46 0.52 7.04 3.77
C ALA A 46 0.70 8.14 4.82
N VAL A 47 -0.22 8.20 5.78
CA VAL A 47 -0.06 9.08 6.94
C VAL A 47 0.70 8.39 8.07
N MET A 48 0.27 7.18 8.44
CA MET A 48 0.88 6.49 9.58
C MET A 48 2.39 6.32 9.42
N VAL A 49 2.85 6.01 8.22
CA VAL A 49 4.28 5.73 8.04
C VAL A 49 5.16 6.95 8.39
N GLN A 50 4.56 8.13 8.35
CA GLN A 50 5.32 9.36 8.62
C GLN A 50 5.50 9.62 10.12
N LEU A 51 4.80 8.87 10.95
CA LEU A 51 4.92 8.99 12.40
C LEU A 51 6.20 8.29 12.88
N PRO A 52 6.63 8.61 14.11
CA PRO A 52 7.72 7.84 14.73
C PRO A 52 7.24 6.45 15.15
N PRO A 53 8.19 5.51 15.33
CA PRO A 53 7.89 4.12 15.70
C PRO A 53 6.95 4.00 16.89
N GLU A 54 7.16 4.82 17.92
CA GLU A 54 6.32 4.77 19.11
C GLU A 54 4.85 5.04 18.77
N GLU A 55 4.62 5.73 17.66
CA GLU A 55 3.28 6.03 17.22
C GLU A 55 2.83 5.15 16.03
N GLY A 56 3.67 4.19 15.67
CA GLY A 56 3.28 3.20 14.67
C GLY A 56 3.79 3.45 13.27
N GLY A 57 4.69 4.42 13.11
CA GLY A 57 5.26 4.72 11.81
C GLY A 57 6.75 4.43 11.74
N LEU A 58 7.39 4.91 10.67
CA LEU A 58 8.79 4.61 10.45
C LEU A 58 9.54 5.87 10.05
N ASN A 59 9.01 7.02 10.45
CA ASN A 59 9.61 8.30 10.09
C ASN A 59 9.96 8.34 8.61
N GLY A 60 9.02 7.93 7.76
CA GLY A 60 9.32 7.77 6.35
C GLY A 60 8.55 8.67 5.41
N SER A 61 9.02 8.72 4.18
CA SER A 61 8.31 9.33 3.06
C SER A 61 7.56 8.24 2.29
N VAL A 62 6.70 8.70 1.39
CA VAL A 62 5.84 7.83 0.60
C VAL A 62 5.99 8.10 -0.89
N MET A 63 5.85 7.04 -1.70
CA MET A 63 5.72 7.18 -3.13
C MET A 63 4.44 6.45 -3.51
N TRP A 64 3.61 7.09 -4.33
CA TRP A 64 2.27 6.63 -4.63
C TRP A 64 2.03 6.61 -6.13
N ILE A 65 1.76 5.42 -6.67
CA ILE A 65 1.45 5.28 -8.08
C ILE A 65 -0.04 4.99 -8.20
N ASP A 66 -0.76 5.82 -8.93
CA ASP A 66 -2.22 5.83 -8.99
C ASP A 66 -2.64 5.47 -10.42
N THR A 67 -3.39 4.39 -10.58
CA THR A 67 -3.75 3.94 -11.93
C THR A 67 -5.14 4.37 -12.40
N GLU A 68 -6.06 4.65 -11.48
CA GLU A 68 -7.37 5.13 -11.93
C GLU A 68 -7.94 6.27 -11.12
N ASN A 69 -7.05 7.17 -10.73
CA ASN A 69 -7.45 8.43 -10.12
C ASN A 69 -8.24 8.23 -8.84
N THR A 70 -7.67 7.46 -7.92
CA THR A 70 -8.31 7.26 -6.64
C THR A 70 -7.58 7.92 -5.46
N PHE A 71 -6.44 8.56 -5.71
CA PHE A 71 -5.76 9.31 -4.67
C PHE A 71 -6.50 10.62 -4.40
N ARG A 72 -6.75 10.89 -3.11
CA ARG A 72 -7.47 12.10 -2.70
C ARG A 72 -6.63 12.91 -1.71
N PRO A 73 -5.96 13.97 -2.19
CA PRO A 73 -5.14 14.77 -1.29
C PRO A 73 -5.97 15.31 -0.13
N GLU A 74 -7.23 15.62 -0.37
CA GLU A 74 -8.04 16.16 0.73
C GLU A 74 -8.28 15.11 1.82
N ARG A 75 -8.29 13.85 1.42
CA ARG A 75 -8.47 12.77 2.39
C ARG A 75 -7.21 12.56 3.23
N ILE A 76 -6.05 12.70 2.60
CA ILE A 76 -4.78 12.73 3.32
C ILE A 76 -4.78 13.85 4.36
N ARG A 77 -5.13 15.06 3.93
CA ARG A 77 -5.18 16.21 4.84
C ARG A 77 -6.13 15.92 6.00
N GLU A 78 -7.30 15.36 5.71
CA GLU A 78 -8.24 15.02 6.77
C GLU A 78 -7.67 14.01 7.76
N ILE A 79 -7.10 12.93 7.25
CA ILE A 79 -6.55 11.92 8.14
C ILE A 79 -5.40 12.49 8.99
N ALA A 80 -4.53 13.27 8.34
CA ALA A 80 -3.38 13.92 8.99
C ALA A 80 -3.88 14.78 10.15
N GLN A 81 -4.83 15.67 9.86
CA GLN A 81 -5.30 16.62 10.88
C GLN A 81 -6.00 15.92 12.04
N ASN A 82 -6.83 14.93 11.74
CA ASN A 82 -7.53 14.19 12.78
C ASN A 82 -6.61 13.34 13.64
N ARG A 83 -5.38 13.13 13.17
CA ARG A 83 -4.38 12.41 13.96
C ARG A 83 -3.31 13.35 14.52
N GLY A 84 -3.59 14.65 14.48
CA GLY A 84 -2.71 15.65 15.09
C GLY A 84 -1.50 16.09 14.27
N LEU A 85 -1.39 15.61 13.05
CA LEU A 85 -0.25 15.96 12.21
C LEU A 85 -0.56 17.20 11.38
N ASP A 86 0.48 17.79 10.80
CA ASP A 86 0.30 18.91 9.89
C ASP A 86 -0.06 18.38 8.50
N PRO A 87 -1.28 18.70 8.03
CA PRO A 87 -1.75 18.18 6.73
C PRO A 87 -0.86 18.59 5.55
N ASP A 88 -0.29 19.78 5.61
CA ASP A 88 0.57 20.24 4.53
C ASP A 88 1.90 19.48 4.48
N GLU A 89 2.50 19.28 5.65
CA GLU A 89 3.75 18.53 5.75
C GLU A 89 3.54 17.07 5.31
N VAL A 90 2.46 16.47 5.77
CA VAL A 90 2.13 15.09 5.40
C VAL A 90 1.98 14.94 3.89
N LEU A 91 1.23 15.83 3.26
CA LEU A 91 1.10 15.82 1.80
C LEU A 91 2.43 16.01 1.06
N LYS A 92 3.29 16.89 1.59
CA LYS A 92 4.58 17.17 0.95
C LYS A 92 5.47 15.94 0.82
N HIS A 93 5.26 14.99 1.72
CA HIS A 93 6.15 13.82 1.76
C HIS A 93 5.53 12.60 1.11
N ILE A 94 4.48 12.84 0.34
CA ILE A 94 3.93 11.83 -0.57
C ILE A 94 4.26 12.23 -2.01
N ALA A 95 5.18 11.51 -2.63
CA ALA A 95 5.51 11.74 -4.02
C ALA A 95 4.46 11.01 -4.87
N TYR A 96 3.74 11.76 -5.69
CA TYR A 96 2.63 11.23 -6.47
C TYR A 96 2.95 11.03 -7.95
N ALA A 97 2.55 9.89 -8.50
CA ALA A 97 2.63 9.68 -9.93
C ALA A 97 1.38 8.98 -10.45
N ARG A 98 0.79 9.54 -11.51
CA ARG A 98 -0.27 8.90 -12.25
C ARG A 98 0.35 7.93 -13.25
N ALA A 99 -0.18 6.72 -13.31
CA ALA A 99 0.24 5.78 -14.35
C ALA A 99 -0.86 5.73 -15.39
N PHE A 100 -0.52 6.07 -16.63
CA PHE A 100 -1.53 6.16 -17.69
C PHE A 100 -1.88 4.83 -18.35
N ASN A 101 -0.98 3.86 -18.24
CA ASN A 101 -1.18 2.54 -18.81
C ASN A 101 -0.21 1.57 -18.15
N SER A 102 -0.29 0.30 -18.51
CA SER A 102 0.52 -0.72 -17.85
C SER A 102 2.03 -0.56 -18.10
N ASN A 103 2.42 -0.20 -19.32
CA ASN A 103 3.83 0.06 -19.59
C ASN A 103 4.38 1.18 -18.73
N HIS A 104 3.63 2.27 -18.69
CA HIS A 104 3.99 3.44 -17.91
C HIS A 104 4.08 3.04 -16.44
N GLN A 105 3.12 2.27 -15.96
CA GLN A 105 3.15 1.80 -14.57
C GLN A 105 4.43 1.05 -14.23
N MET A 106 4.86 0.16 -15.14
CA MET A 106 6.09 -0.60 -14.93
C MET A 106 7.31 0.33 -14.97
N LEU A 107 7.31 1.28 -15.91
CA LEU A 107 8.35 2.28 -15.99
C LEU A 107 8.47 3.10 -14.71
N LEU A 108 7.33 3.51 -14.16
CA LEU A 108 7.34 4.31 -12.94
C LEU A 108 7.99 3.59 -11.75
N VAL A 109 7.81 2.28 -11.67
CA VAL A 109 8.45 1.49 -10.62
C VAL A 109 9.96 1.46 -10.81
N GLN A 110 10.39 1.29 -12.06
CA GLN A 110 11.81 1.33 -12.38
C GLN A 110 12.41 2.69 -12.05
N GLN A 111 11.69 3.74 -12.38
CA GLN A 111 12.16 5.11 -12.18
C GLN A 111 12.05 5.59 -10.73
N ALA A 112 11.25 4.90 -9.92
CA ALA A 112 11.09 5.27 -8.51
C ALA A 112 12.39 5.09 -7.76
N GLU A 113 13.25 4.18 -8.24
CA GLU A 113 14.50 3.88 -7.56
C GLU A 113 15.38 5.12 -7.39
N ASP A 114 15.26 6.07 -8.32
CA ASP A 114 16.05 7.30 -8.27
C ASP A 114 15.74 8.10 -7.02
N MET A 115 14.46 8.32 -6.74
N MET A 115 14.46 8.32 -6.75
CA MET A 115 14.06 9.10 -5.58
CA MET A 115 14.05 9.09 -5.59
C MET A 115 14.36 8.32 -4.31
C MET A 115 14.34 8.32 -4.30
N ILE A 116 14.22 7.00 -4.37
CA ILE A 116 14.49 6.15 -3.22
C ILE A 116 15.98 6.29 -2.85
N LYS A 117 16.83 6.24 -3.87
CA LYS A 117 18.27 6.43 -3.65
C LYS A 117 18.55 7.81 -3.06
N GLU A 118 17.89 8.83 -3.58
CA GLU A 118 18.12 10.19 -3.11
C GLU A 118 17.76 10.37 -1.63
N LEU A 119 16.69 9.70 -1.20
CA LEU A 119 16.17 9.92 0.14
C LEU A 119 16.76 8.92 1.15
N LEU A 120 17.49 7.93 0.65
CA LEU A 120 17.89 6.78 1.46
C LEU A 120 18.62 7.13 2.77
N ASN A 121 19.59 8.02 2.70
CA ASN A 121 20.29 8.35 3.93
C ASN A 121 19.96 9.73 4.46
N THR A 122 18.68 10.09 4.33
CA THR A 122 18.18 11.35 4.83
C THR A 122 17.32 11.16 6.09
N ASP A 123 16.68 12.23 6.53
CA ASP A 123 15.80 12.17 7.69
C ASP A 123 14.45 11.53 7.37
N ARG A 124 14.15 11.35 6.08
CA ARG A 124 12.84 10.84 5.67
C ARG A 124 12.98 9.92 4.48
N PRO A 125 13.64 8.77 4.67
CA PRO A 125 13.79 7.80 3.58
C PRO A 125 12.41 7.30 3.14
N VAL A 126 12.29 6.86 1.90
CA VAL A 126 11.05 6.22 1.45
C VAL A 126 10.84 4.95 2.26
N LYS A 127 9.67 4.84 2.89
CA LYS A 127 9.37 3.65 3.68
C LYS A 127 8.10 2.94 3.19
N LEU A 128 7.37 3.59 2.29
CA LEU A 128 6.12 3.06 1.76
C LEU A 128 5.99 3.39 0.29
N LEU A 129 5.74 2.37 -0.52
CA LEU A 129 5.48 2.53 -1.94
C LEU A 129 4.15 1.89 -2.21
N ILE A 130 3.20 2.70 -2.67
CA ILE A 130 1.85 2.23 -2.93
C ILE A 130 1.62 2.10 -4.43
N VAL A 131 1.01 1.00 -4.87
CA VAL A 131 0.51 0.90 -6.23
C VAL A 131 -0.98 0.61 -6.12
N ASP A 132 -1.83 1.57 -6.50
CA ASP A 132 -3.27 1.44 -6.40
C ASP A 132 -3.77 1.81 -7.80
N SER A 133 -4.07 0.86 -8.66
CA SER A 133 -4.20 -0.56 -8.36
C SER A 133 -3.14 -1.34 -9.14
N LEU A 134 -2.78 -2.51 -8.63
CA LEU A 134 -1.74 -3.31 -9.27
C LEU A 134 -2.16 -3.75 -10.65
N THR A 135 -3.44 -4.02 -10.85
CA THR A 135 -3.88 -4.75 -12.06
C THR A 135 -4.86 -4.05 -12.99
N SER A 136 -5.36 -2.88 -12.63
CA SER A 136 -6.42 -2.29 -13.46
C SER A 136 -5.99 -2.13 -14.90
N HIS A 137 -4.79 -1.63 -15.13
CA HIS A 137 -4.34 -1.45 -16.52
C HIS A 137 -4.09 -2.79 -17.21
N PHE A 138 -3.55 -3.77 -16.49
CA PHE A 138 -3.26 -5.05 -17.10
C PHE A 138 -4.56 -5.74 -17.53
N ARG A 139 -5.58 -5.63 -16.68
CA ARG A 139 -6.89 -6.22 -16.96
C ARG A 139 -7.55 -5.51 -18.16
N SER A 140 -7.32 -4.21 -18.27
CA SER A 140 -7.92 -3.41 -19.33
C SER A 140 -7.25 -3.68 -20.69
N GLU A 141 -5.95 -3.90 -20.67
CA GLU A 141 -5.18 -3.94 -21.91
C GLU A 141 -5.06 -5.34 -22.50
N TYR A 142 -4.99 -6.35 -21.64
CA TYR A 142 -4.71 -7.70 -22.09
C TYR A 142 -5.98 -8.56 -22.04
N ILE A 143 -6.74 -8.52 -23.13
CA ILE A 143 -8.05 -9.15 -23.17
C ILE A 143 -8.04 -10.54 -23.80
N GLY A 144 -8.64 -11.50 -23.11
CA GLY A 144 -8.83 -12.83 -23.68
C GLY A 144 -7.69 -13.78 -23.38
N ARG A 145 -7.66 -14.91 -24.07
CA ARG A 145 -6.63 -15.92 -23.82
C ARG A 145 -5.37 -15.75 -24.66
N GLY A 146 -5.51 -15.09 -25.81
CA GLY A 146 -4.35 -14.78 -26.63
C GLY A 146 -3.44 -13.78 -25.93
N ALA A 147 -3.94 -13.17 -24.86
CA ALA A 147 -3.21 -12.10 -24.18
C ALA A 147 -2.75 -12.50 -22.78
N LEU A 148 -3.32 -13.56 -22.25
CA LEU A 148 -3.06 -13.97 -20.88
C LEU A 148 -1.56 -14.18 -20.57
N ALA A 149 -0.88 -14.91 -21.44
CA ALA A 149 0.53 -15.22 -21.25
C ALA A 149 1.39 -13.97 -21.06
N GLU A 150 1.26 -13.02 -21.99
CA GLU A 150 2.04 -11.80 -21.90
C GLU A 150 1.63 -11.00 -20.66
N ARG A 151 0.34 -11.02 -20.33
CA ARG A 151 -0.14 -10.29 -19.17
C ARG A 151 0.55 -10.81 -17.91
N GLN A 152 0.56 -12.12 -17.73
CA GLN A 152 1.17 -12.75 -16.56
C GLN A 152 2.67 -12.50 -16.51
N GLN A 153 3.34 -12.59 -17.67
CA GLN A 153 4.76 -12.32 -17.77
C GLN A 153 5.11 -10.90 -17.30
N LYS A 154 4.38 -9.93 -17.85
CA LYS A 154 4.58 -8.52 -17.51
C LYS A 154 4.30 -8.26 -16.03
N LEU A 155 3.17 -8.78 -15.55
CA LEU A 155 2.81 -8.64 -14.13
C LEU A 155 3.87 -9.28 -13.24
N ALA A 156 4.31 -10.49 -13.61
CA ALA A 156 5.36 -11.16 -12.87
C ALA A 156 6.63 -10.31 -12.76
N LYS A 157 7.02 -9.69 -13.86
CA LYS A 157 8.19 -8.83 -13.89
C LYS A 157 7.99 -7.60 -13.01
N HIS A 158 6.79 -7.02 -13.11
CA HIS A 158 6.42 -5.84 -12.31
C HIS A 158 6.50 -6.16 -10.80
N LEU A 159 5.96 -7.30 -10.42
CA LEU A 159 6.04 -7.73 -9.02
C LEU A 159 7.49 -7.97 -8.59
N ALA A 160 8.30 -8.54 -9.49
CA ALA A 160 9.70 -8.75 -9.18
C ALA A 160 10.43 -7.43 -8.95
N ASP A 161 10.14 -6.42 -9.77
CA ASP A 161 10.74 -5.10 -9.61
C ASP A 161 10.33 -4.50 -8.26
N LEU A 162 9.06 -4.65 -7.90
CA LEU A 162 8.59 -4.15 -6.61
C LEU A 162 9.25 -4.88 -5.43
N HIS A 163 9.36 -6.19 -5.52
CA HIS A 163 10.01 -6.98 -4.47
C HIS A 163 11.44 -6.51 -4.26
N ARG A 164 12.12 -6.26 -5.38
CA ARG A 164 13.50 -5.82 -5.31
C ARG A 164 13.65 -4.50 -4.55
N LEU A 165 12.79 -3.53 -4.87
CA LEU A 165 12.83 -2.25 -4.18
C LEU A 165 12.54 -2.44 -2.69
N ALA A 166 11.55 -3.27 -2.38
CA ALA A 166 11.21 -3.56 -0.98
C ALA A 166 12.37 -4.13 -0.19
N ASN A 167 13.03 -5.14 -0.75
CA ASN A 167 14.12 -5.84 -0.08
C ASN A 167 15.40 -5.02 -0.02
N LEU A 168 15.75 -4.39 -1.12
CA LEU A 168 17.01 -3.65 -1.22
C LEU A 168 17.03 -2.37 -0.38
N TYR A 169 15.90 -1.69 -0.30
CA TYR A 169 15.84 -0.39 0.32
C TYR A 169 14.96 -0.36 1.58
N ASP A 170 14.55 -1.54 2.04
CA ASP A 170 13.80 -1.66 3.30
C ASP A 170 12.52 -0.84 3.28
N ILE A 171 11.70 -1.12 2.26
CA ILE A 171 10.46 -0.38 2.02
C ILE A 171 9.29 -1.36 2.12
N ALA A 172 8.18 -0.90 2.69
CA ALA A 172 6.94 -1.65 2.65
C ALA A 172 6.22 -1.32 1.36
N VAL A 173 5.99 -2.31 0.52
CA VAL A 173 5.22 -2.11 -0.71
C VAL A 173 3.80 -2.54 -0.41
N PHE A 174 2.83 -1.70 -0.80
CA PHE A 174 1.43 -1.94 -0.53
C PHE A 174 0.69 -1.79 -1.84
N VAL A 175 0.02 -2.85 -2.29
CA VAL A 175 -0.68 -2.77 -3.56
C VAL A 175 -2.12 -3.23 -3.39
N THR A 176 -3.01 -2.64 -4.18
CA THR A 176 -4.41 -3.04 -4.15
C THR A 176 -4.76 -3.85 -5.39
N ASN A 177 -5.82 -4.64 -5.26
CA ASN A 177 -6.20 -5.55 -6.33
C ASN A 177 -7.68 -5.90 -6.19
N GLN A 178 -8.21 -6.64 -7.15
CA GLN A 178 -9.58 -7.12 -7.08
C GLN A 178 -9.57 -8.52 -7.65
N VAL A 179 -10.44 -9.40 -7.14
CA VAL A 179 -10.41 -10.80 -7.57
C VAL A 179 -10.98 -10.97 -8.97
N SER A 190 4.19 -16.54 -0.59
CA SER A 190 4.74 -15.63 -1.59
C SER A 190 3.94 -15.69 -2.89
N ALA A 191 4.08 -14.69 -3.75
CA ALA A 191 5.04 -13.60 -3.59
C ALA A 191 4.61 -12.54 -2.58
N THR A 192 3.30 -12.41 -2.38
CA THR A 192 2.74 -11.31 -1.61
C THR A 192 1.97 -11.83 -0.40
N LEU A 193 1.76 -10.95 0.57
CA LEU A 193 0.92 -11.26 1.71
C LEU A 193 -0.48 -10.81 1.34
N ARG A 194 -1.41 -11.74 1.19
CA ARG A 194 -2.73 -11.40 0.66
C ARG A 194 -3.79 -11.21 1.73
N VAL A 195 -4.45 -10.07 1.68
CA VAL A 195 -5.51 -9.70 2.61
C VAL A 195 -6.75 -9.39 1.80
N TYR A 196 -7.89 -9.98 2.17
CA TYR A 196 -9.14 -9.80 1.47
C TYR A 196 -10.12 -9.02 2.31
N LEU A 197 -10.63 -7.93 1.76
CA LEU A 197 -11.57 -7.06 2.46
C LEU A 197 -12.99 -7.31 2.00
N ARG A 198 -13.91 -7.24 2.95
CA ARG A 198 -15.32 -7.37 2.61
C ARG A 198 -16.15 -6.51 3.56
N LYS A 199 -17.39 -6.25 3.17
CA LYS A 199 -18.33 -5.55 4.04
C LYS A 199 -18.75 -6.44 5.20
N GLY A 200 -18.73 -5.87 6.40
CA GLY A 200 -19.25 -6.57 7.56
C GLY A 200 -20.62 -6.01 7.91
N LYS A 201 -20.96 -6.06 9.19
CA LYS A 201 -22.25 -5.53 9.66
C LYS A 201 -22.15 -4.06 10.06
N GLY A 202 -23.20 -3.31 9.76
CA GLY A 202 -23.32 -1.93 10.23
C GLY A 202 -22.29 -0.96 9.71
N GLY A 203 -21.79 -1.22 8.50
CA GLY A 203 -20.82 -0.32 7.89
C GLY A 203 -19.39 -0.61 8.27
N LYS A 204 -19.18 -1.60 9.14
CA LYS A 204 -17.83 -2.04 9.45
C LYS A 204 -17.26 -2.82 8.27
N ARG A 205 -15.95 -3.01 8.27
CA ARG A 205 -15.30 -3.79 7.23
C ARG A 205 -14.56 -4.95 7.87
N ILE A 206 -14.36 -6.02 7.10
CA ILE A 206 -13.68 -7.18 7.63
C ILE A 206 -12.50 -7.52 6.73
N ALA A 207 -11.34 -7.76 7.35
CA ALA A 207 -10.17 -8.21 6.62
C ALA A 207 -9.86 -9.65 6.96
N ARG A 208 -9.61 -10.46 5.94
CA ARG A 208 -9.21 -11.85 6.16
C ARG A 208 -7.84 -12.11 5.54
N LEU A 209 -6.94 -12.65 6.34
CA LEU A 209 -5.59 -12.95 5.90
C LEU A 209 -5.63 -14.37 5.38
N ILE A 210 -5.09 -14.58 4.20
CA ILE A 210 -5.15 -15.90 3.56
C ILE A 210 -3.80 -16.33 3.01
N ASP A 211 -3.42 -17.57 3.32
CA ASP A 211 -2.24 -18.22 2.75
C ASP A 211 -0.91 -17.61 3.17
N ALA A 212 -0.90 -16.97 4.33
CA ALA A 212 0.35 -16.44 4.86
C ALA A 212 1.21 -17.61 5.31
N PRO A 213 2.48 -17.65 4.87
CA PRO A 213 3.39 -18.75 5.23
C PRO A 213 3.67 -18.84 6.72
N HIS A 214 3.74 -17.71 7.41
CA HIS A 214 4.13 -17.71 8.82
C HIS A 214 3.26 -16.88 9.74
N LEU A 215 2.05 -16.56 9.28
CA LEU A 215 1.01 -15.99 10.13
C LEU A 215 -0.25 -16.82 9.97
N PRO A 216 -0.94 -17.09 11.09
CA PRO A 216 -2.13 -17.91 10.92
C PRO A 216 -3.21 -17.13 10.20
N GLU A 217 -4.05 -17.81 9.43
CA GLU A 217 -5.18 -17.14 8.85
C GLU A 217 -6.04 -16.59 9.96
N GLY A 218 -6.88 -15.62 9.62
CA GLY A 218 -7.73 -15.01 10.61
C GLY A 218 -8.47 -13.83 10.04
N GLU A 219 -9.27 -13.19 10.88
CA GLU A 219 -10.05 -12.04 10.47
C GLU A 219 -9.93 -10.89 11.47
N ALA A 220 -10.06 -9.67 10.96
CA ALA A 220 -10.06 -8.49 11.82
C ALA A 220 -11.19 -7.58 11.36
N VAL A 221 -11.95 -7.05 12.32
CA VAL A 221 -13.02 -6.12 11.98
C VAL A 221 -12.54 -4.71 12.27
N PHE A 222 -12.80 -3.80 11.34
CA PHE A 222 -12.35 -2.43 11.50
C PHE A 222 -13.39 -1.42 10.98
N SER A 223 -13.17 -0.15 11.31
CA SER A 223 -14.04 0.94 10.88
C SER A 223 -13.29 1.91 9.98
N ILE A 224 -14.05 2.70 9.23
CA ILE A 224 -13.50 3.81 8.45
C ILE A 224 -14.04 5.12 9.02
N THR A 225 -13.13 6.01 9.42
CA THR A 225 -13.51 7.23 10.11
C THR A 225 -12.79 8.44 9.53
N GLU A 226 -12.90 9.59 10.18
CA GLU A 226 -12.14 10.76 9.77
C GLU A 226 -10.65 10.53 10.04
N LYS A 227 -10.34 9.51 10.83
CA LYS A 227 -8.95 9.14 11.10
C LYS A 227 -8.43 8.14 10.06
N GLY A 228 -9.27 7.82 9.08
CA GLY A 228 -8.90 6.85 8.07
C GLY A 228 -9.46 5.52 8.50
N ILE A 229 -8.61 4.55 8.80
CA ILE A 229 -9.12 3.35 9.43
C ILE A 229 -8.62 3.18 10.88
N GLU A 230 -9.48 2.58 11.70
CA GLU A 230 -9.18 2.27 13.08
C GLU A 230 -10.18 1.22 13.52
N ASP A 231 -10.02 0.71 14.74
CA ASP A 231 -10.96 -0.30 15.24
C ASP A 231 -12.39 0.23 15.21
#